data_7D5F
#
_entry.id   7D5F
#
_entity_poly.entity_id   1
_entity_poly.type   'polydeoxyribonucleotide'
_entity_poly.pdbx_seq_one_letter_code
;(DG)(DG)(DT)(DG)(DT)(DG)(DT)(DG)(DT)(DG)(DT)(DG)(DT)(DG)(DT)(DG)(DT)(DG)(DG)(DT)
(DG)(DG)(DT)(DG)(DG)(DT)(DG)
;
_entity_poly.pdbx_strand_id   A
#
loop_
_chem_comp.id
_chem_comp.type
_chem_comp.name
_chem_comp.formula
DG DNA linking 2'-DEOXYGUANOSINE-5'-MONOPHOSPHATE 'C10 H14 N5 O7 P'
DT DNA linking THYMIDINE-5'-MONOPHOSPHATE 'C10 H15 N2 O8 P'
#